data_3S2J
#
_entry.id   3S2J
#
_cell.length_a   97.043
_cell.length_b   97.043
_cell.length_c   104.962
_cell.angle_alpha   90.00
_cell.angle_beta   90.00
_cell.angle_gamma   120.00
#
_symmetry.space_group_name_H-M   'P 31 2 1'
#
loop_
_entity.id
_entity.type
_entity.pdbx_description
1 polymer dipeptidase
2 non-polymer '(2R)-3-[(R)-[(1R)-1-amino-3-methylbutyl](hydroxy)phosphoryl]-2-methylpropanoic acid'
3 non-polymer 'ZINC ION'
4 non-polymer 1,2-ETHANEDIOL
5 water water
#
_entity_poly.entity_id   1
_entity_poly.type   'polypeptide(L)'
_entity_poly.pdbx_seq_one_letter_code
;MTSLEKARELLREFPVVDGHNDLPWALREQVRYDLDARDIAADQSAHLHTDLARLRSGGVGAQYWSVYVRSDLPGAVTAT
LEQIDCVRRLIDRHPGELRAALTAADMEAARAEGRIASLMGAEGGHSIDNSLATLRALYALGVRYMTLTHNDNNAWADSA
TDEPGVGGLSAFGREVVREMNREGMLVDLSHVAATTMRDALDTSTAPVIFSHSSSRAVCDHPRNIPDDVLERLSANGGMA
MVTFVPKFVLQAAVDWTAEADDNMRAHGFHHLDSSPEAMKVHAAFEERVPRPVATVSTVADHLDHMREVAGVDHLGIGGD
YDGTPFTPDGLGDVSGYPNLIAELLDRGWSQSDLAKLTWKNAVRVLDAAEDVSRGLRAARGPSNATIEQLDGTAAEQPEG
;
_entity_poly.pdbx_strand_id   A
#
loop_
_chem_comp.id
_chem_comp.type
_chem_comp.name
_chem_comp.formula
EDO non-polymer 1,2-ETHANEDIOL 'C2 H6 O2'
L3A peptide-like '(2R)-3-[(R)-[(1R)-1-amino-3-methylbutyl](hydroxy)phosphoryl]-2-methylpropanoic acid' 'C9 H20 N O4 P'
ZN non-polymer 'ZINC ION' 'Zn 2'
#
# COMPACT_ATOMS: atom_id res chain seq x y z
N MET A 1 2.60 -17.44 -28.66
CA MET A 1 2.78 -17.82 -27.26
C MET A 1 1.50 -17.55 -26.48
N THR A 2 1.39 -18.15 -25.30
CA THR A 2 0.22 -17.93 -24.45
C THR A 2 0.24 -16.53 -23.85
N SER A 3 -0.89 -16.11 -23.29
CA SER A 3 -0.96 -14.82 -22.62
C SER A 3 -0.03 -14.79 -21.41
N LEU A 4 0.10 -15.92 -20.73
CA LEU A 4 1.02 -16.00 -19.60
C LEU A 4 2.48 -15.84 -20.05
N GLU A 5 2.87 -16.52 -21.12
CA GLU A 5 4.20 -16.33 -21.68
C GLU A 5 4.44 -14.88 -22.10
N LYS A 6 3.45 -14.27 -22.76
CA LYS A 6 3.59 -12.88 -23.16
C LYS A 6 3.69 -11.98 -21.92
N ALA A 7 2.88 -12.24 -20.91
CA ALA A 7 2.94 -11.45 -19.69
C ALA A 7 4.34 -11.46 -19.10
N ARG A 8 4.99 -12.61 -19.08
CA ARG A 8 6.33 -12.68 -18.50
C ARG A 8 7.33 -11.87 -19.34
N GLU A 9 7.19 -11.94 -20.66
CA GLU A 9 8.03 -11.13 -21.53
C GLU A 9 7.84 -9.64 -21.27
N LEU A 10 6.58 -9.23 -21.15
CA LEU A 10 6.31 -7.81 -20.88
C LEU A 10 6.89 -7.35 -19.55
N LEU A 11 6.80 -8.21 -18.53
CA LEU A 11 7.30 -7.87 -17.21
C LEU A 11 8.83 -7.82 -17.17
N ARG A 12 9.48 -8.56 -18.06
CA ARG A 12 10.93 -8.50 -18.11
C ARG A 12 11.39 -7.13 -18.59
N GLU A 13 10.61 -6.50 -19.47
CA GLU A 13 10.93 -5.17 -19.96
C GLU A 13 10.47 -4.07 -19.00
N PHE A 14 9.23 -4.19 -18.52
CA PHE A 14 8.66 -3.20 -17.61
C PHE A 14 8.02 -3.90 -16.42
N PRO A 15 8.83 -4.14 -15.39
CA PRO A 15 8.38 -4.94 -14.25
C PRO A 15 7.42 -4.19 -13.34
N VAL A 16 6.87 -4.92 -12.38
CA VAL A 16 5.95 -4.32 -11.42
C VAL A 16 6.68 -3.47 -10.40
N VAL A 17 6.16 -2.27 -10.18
CA VAL A 17 6.48 -1.49 -9.00
C VAL A 17 5.31 -1.74 -8.05
N ASP A 18 5.53 -2.52 -7.00
CA ASP A 18 4.44 -2.83 -6.07
C ASP A 18 4.40 -1.80 -4.95
N GLY A 19 3.21 -1.30 -4.69
CA GLY A 19 3.01 -0.21 -3.75
C GLY A 19 3.05 -0.53 -2.28
N HIS A 20 2.87 -1.79 -1.89
CA HIS A 20 2.75 -2.09 -0.47
C HIS A 20 2.91 -3.56 -0.16
N ASN A 21 4.05 -3.90 0.45
CA ASN A 21 4.36 -5.27 0.90
C ASN A 21 4.78 -5.18 2.35
N ASP A 22 4.13 -5.96 3.21
CA ASP A 22 4.33 -5.92 4.67
C ASP A 22 5.32 -6.95 5.21
N LEU A 23 6.26 -7.38 4.37
CA LEU A 23 7.30 -8.30 4.82
C LEU A 23 7.95 -7.85 6.13
N PRO A 24 8.27 -6.55 6.26
CA PRO A 24 8.93 -6.19 7.53
C PRO A 24 8.07 -6.49 8.77
N TRP A 25 6.80 -6.15 8.72
CA TRP A 25 5.91 -6.47 9.84
C TRP A 25 5.83 -7.97 10.06
N ALA A 26 5.78 -8.75 8.99
CA ALA A 26 5.72 -10.20 9.13
C ALA A 26 6.98 -10.72 9.81
N LEU A 27 8.13 -10.15 9.46
CA LEU A 27 9.39 -10.56 10.09
C LEU A 27 9.44 -10.15 11.55
N ARG A 28 8.89 -8.97 11.85
CA ARG A 28 8.80 -8.49 13.23
C ARG A 28 7.97 -9.46 14.07
N GLU A 29 6.81 -9.83 13.54
CA GLU A 29 5.87 -10.65 14.31
C GLU A 29 6.28 -12.11 14.38
N GLN A 30 6.75 -12.67 13.27
CA GLN A 30 7.06 -14.10 13.23
C GLN A 30 8.34 -14.45 13.97
N VAL A 31 9.37 -13.63 13.78
CA VAL A 31 10.68 -13.96 14.30
C VAL A 31 11.43 -12.80 14.95
N ARG A 32 10.72 -11.72 15.25
CA ARG A 32 11.34 -10.52 15.81
C ARG A 32 12.65 -10.17 15.09
N TYR A 33 12.57 -10.16 13.77
CA TYR A 33 13.67 -9.71 12.92
C TYR A 33 14.91 -10.61 12.95
N ASP A 34 14.74 -11.87 13.36
CA ASP A 34 15.81 -12.85 13.22
C ASP A 34 15.82 -13.27 11.74
N LEU A 35 16.57 -12.52 10.94
CA LEU A 35 16.47 -12.65 9.48
C LEU A 35 16.97 -13.99 8.96
N ASP A 36 17.87 -14.62 9.72
CA ASP A 36 18.37 -15.95 9.38
C ASP A 36 17.25 -16.99 9.43
N ALA A 37 16.26 -16.76 10.30
CA ALA A 37 15.16 -17.69 10.48
C ALA A 37 14.12 -17.59 9.36
N ARG A 38 14.18 -16.51 8.58
CA ARG A 38 13.29 -16.32 7.44
C ARG A 38 14.07 -15.81 6.23
N ASP A 39 15.23 -16.39 5.99
CA ASP A 39 16.16 -15.93 4.96
C ASP A 39 15.47 -15.87 3.60
N ILE A 40 15.27 -14.66 3.07
CA ILE A 40 14.55 -14.55 1.80
C ILE A 40 15.38 -14.95 0.58
N ALA A 41 16.64 -15.33 0.81
CA ALA A 41 17.44 -15.92 -0.26
C ALA A 41 17.14 -17.41 -0.37
N ALA A 42 16.30 -17.90 0.54
CA ALA A 42 15.81 -19.28 0.50
C ALA A 42 14.29 -19.28 0.33
N ASP A 43 13.72 -20.46 0.15
CA ASP A 43 12.29 -20.59 -0.09
C ASP A 43 11.49 -20.45 1.20
N GLN A 44 10.74 -19.36 1.31
CA GLN A 44 9.95 -19.09 2.52
C GLN A 44 8.46 -19.30 2.33
N SER A 45 8.10 -20.10 1.32
N SER A 45 8.09 -20.10 1.33
CA SER A 45 6.71 -20.34 0.98
CA SER A 45 6.68 -20.29 1.00
C SER A 45 5.86 -20.82 2.16
C SER A 45 5.83 -20.90 2.11
N ALA A 46 6.48 -21.56 3.09
CA ALA A 46 5.74 -22.10 4.22
C ALA A 46 5.26 -21.02 5.20
N HIS A 47 5.93 -19.87 5.18
CA HIS A 47 5.73 -18.85 6.21
C HIS A 47 5.29 -17.49 5.68
N LEU A 48 5.71 -17.17 4.45
CA LEU A 48 5.60 -15.82 3.93
C LEU A 48 5.13 -15.83 2.49
N HIS A 49 4.49 -14.75 2.08
CA HIS A 49 4.18 -14.52 0.67
C HIS A 49 5.40 -14.14 -0.13
N THR A 50 6.44 -13.67 0.55
CA THR A 50 7.56 -13.02 -0.12
C THR A 50 8.89 -13.72 0.11
N ASP A 51 9.64 -13.95 -0.97
CA ASP A 51 11.09 -14.15 -0.89
C ASP A 51 11.69 -13.73 -2.22
N LEU A 52 13.00 -13.76 -2.33
CA LEU A 52 13.65 -13.19 -3.51
C LEU A 52 13.33 -13.95 -4.80
N ALA A 53 13.32 -15.27 -4.73
CA ALA A 53 13.06 -16.06 -5.93
C ALA A 53 11.63 -15.84 -6.43
N ARG A 54 10.68 -15.76 -5.51
CA ARG A 54 9.30 -15.53 -5.92
C ARG A 54 9.09 -14.10 -6.44
N LEU A 55 9.79 -13.13 -5.88
CA LEU A 55 9.72 -11.77 -6.41
C LEU A 55 10.19 -11.76 -7.87
N ARG A 56 11.26 -12.48 -8.15
N ARG A 56 11.27 -12.49 -8.15
CA ARG A 56 11.79 -12.52 -9.50
CA ARG A 56 11.79 -12.57 -9.50
C ARG A 56 10.82 -13.25 -10.44
C ARG A 56 10.80 -13.24 -10.43
N SER A 57 10.29 -14.39 -10.01
CA SER A 57 9.31 -15.12 -10.79
C SER A 57 8.09 -14.26 -11.06
N GLY A 58 7.75 -13.41 -10.09
CA GLY A 58 6.57 -12.58 -10.19
C GLY A 58 6.75 -11.34 -11.05
N GLY A 59 7.99 -11.05 -11.42
CA GLY A 59 8.27 -9.89 -12.25
C GLY A 59 8.24 -8.59 -11.47
N VAL A 60 8.57 -8.64 -10.18
CA VAL A 60 8.65 -7.43 -9.38
C VAL A 60 10.00 -6.76 -9.56
N GLY A 61 9.98 -5.52 -10.05
CA GLY A 61 11.20 -4.77 -10.26
C GLY A 61 11.45 -3.65 -9.27
N ALA A 62 10.43 -3.30 -8.49
CA ALA A 62 10.58 -2.32 -7.42
C ALA A 62 9.52 -2.62 -6.39
N GLN A 63 9.88 -2.45 -5.12
CA GLN A 63 8.96 -2.69 -4.03
C GLN A 63 9.01 -1.53 -3.04
N TYR A 64 7.86 -0.94 -2.75
CA TYR A 64 7.72 -0.14 -1.55
C TYR A 64 7.49 -1.09 -0.38
N TRP A 65 8.52 -1.23 0.45
CA TRP A 65 8.44 -2.03 1.66
C TRP A 65 7.74 -1.22 2.73
N SER A 66 6.66 -1.75 3.27
CA SER A 66 5.89 -1.06 4.30
C SER A 66 6.64 -1.08 5.62
N VAL A 67 6.71 0.07 6.27
CA VAL A 67 7.26 0.14 7.62
C VAL A 67 6.15 0.38 8.64
N TYR A 68 4.96 -0.13 8.31
CA TYR A 68 3.81 -0.20 9.22
C TYR A 68 4.18 -0.54 10.67
N VAL A 69 3.55 0.15 11.60
CA VAL A 69 3.53 -0.25 13.00
C VAL A 69 2.13 -0.03 13.56
N ARG A 70 1.81 -0.67 14.67
CA ARG A 70 0.46 -0.53 15.23
C ARG A 70 0.19 0.85 15.81
N SER A 71 -0.98 1.40 15.51
CA SER A 71 -1.35 2.69 16.10
C SER A 71 -1.95 2.54 17.50
N ASP A 72 -2.31 1.32 17.87
CA ASP A 72 -2.99 1.07 19.14
C ASP A 72 -2.02 0.60 20.23
N LEU A 73 -0.73 0.74 19.96
CA LEU A 73 0.30 0.45 20.97
C LEU A 73 1.19 1.68 21.11
N PRO A 74 1.80 1.86 22.30
CA PRO A 74 2.73 2.97 22.49
C PRO A 74 4.03 2.76 21.71
N GLY A 75 4.83 3.80 21.57
CA GLY A 75 6.17 3.67 21.00
C GLY A 75 6.18 3.47 19.50
N ALA A 76 5.21 4.08 18.81
CA ALA A 76 5.13 3.95 17.37
C ALA A 76 6.37 4.45 16.66
N VAL A 77 6.98 5.53 17.16
CA VAL A 77 8.16 6.06 16.47
C VAL A 77 9.31 5.06 16.57
N THR A 78 9.55 4.55 17.77
CA THR A 78 10.61 3.55 17.94
C THR A 78 10.36 2.34 17.04
N ALA A 79 9.13 1.84 17.04
CA ALA A 79 8.80 0.68 16.21
C ALA A 79 9.01 0.98 14.73
N THR A 80 8.68 2.20 14.30
CA THR A 80 8.88 2.57 12.90
C THR A 80 10.38 2.56 12.55
N LEU A 81 11.21 3.05 13.47
CA LEU A 81 12.65 3.00 13.24
C LEU A 81 13.14 1.56 13.15
N GLU A 82 12.54 0.66 13.93
CA GLU A 82 12.87 -0.75 13.86
C GLU A 82 12.45 -1.38 12.53
N GLN A 83 11.30 -0.97 12.03
CA GLN A 83 10.86 -1.43 10.72
C GLN A 83 11.78 -0.93 9.59
N ILE A 84 12.17 0.33 9.66
CA ILE A 84 13.11 0.90 8.70
C ILE A 84 14.44 0.15 8.77
N ASP A 85 14.92 -0.11 9.98
CA ASP A 85 16.15 -0.87 10.15
C ASP A 85 16.03 -2.27 9.52
N CYS A 86 14.87 -2.90 9.65
CA CYS A 86 14.65 -4.20 9.03
C CYS A 86 14.85 -4.11 7.51
N VAL A 87 14.26 -3.10 6.89
CA VAL A 87 14.40 -2.93 5.45
C VAL A 87 15.87 -2.71 5.08
N ARG A 88 16.55 -1.85 5.84
CA ARG A 88 17.97 -1.61 5.59
C ARG A 88 18.79 -2.89 5.68
N ARG A 89 18.53 -3.70 6.69
CA ARG A 89 19.26 -4.95 6.88
C ARG A 89 18.99 -5.93 5.73
N LEU A 90 17.74 -5.99 5.25
CA LEU A 90 17.44 -6.84 4.11
C LEU A 90 18.21 -6.40 2.87
N ILE A 91 18.23 -5.10 2.61
CA ILE A 91 18.98 -4.59 1.47
C ILE A 91 20.48 -4.93 1.61
N ASP A 92 21.03 -4.73 2.80
CA ASP A 92 22.46 -5.01 3.02
C ASP A 92 22.78 -6.50 2.87
N ARG A 93 21.84 -7.34 3.27
CA ARG A 93 22.05 -8.79 3.22
C ARG A 93 21.99 -9.37 1.80
N HIS A 94 21.31 -8.66 0.90
CA HIS A 94 21.03 -9.22 -0.41
C HIS A 94 21.38 -8.25 -1.55
N PRO A 95 22.66 -7.83 -1.60
CA PRO A 95 23.09 -6.81 -2.58
C PRO A 95 22.98 -7.32 -4.01
N GLY A 96 23.00 -8.63 -4.20
CA GLY A 96 22.86 -9.20 -5.53
C GLY A 96 21.47 -9.00 -6.11
N GLU A 97 20.49 -8.92 -5.23
CA GLU A 97 19.08 -8.91 -5.65
C GLU A 97 18.34 -7.60 -5.40
N LEU A 98 18.75 -6.87 -4.36
CA LEU A 98 18.07 -5.65 -3.93
C LEU A 98 18.97 -4.44 -4.06
N ARG A 99 18.40 -3.29 -4.40
CA ARG A 99 19.13 -2.03 -4.40
C ARG A 99 18.26 -0.98 -3.73
N ALA A 100 18.80 -0.27 -2.74
CA ALA A 100 18.05 0.81 -2.12
C ALA A 100 17.69 1.83 -3.19
N ALA A 101 16.46 2.35 -3.11
CA ALA A 101 16.05 3.40 -4.03
C ALA A 101 15.39 4.53 -3.26
N LEU A 102 15.88 5.75 -3.48
CA LEU A 102 15.32 6.94 -2.84
C LEU A 102 14.63 7.84 -3.85
N THR A 103 14.92 7.64 -5.12
CA THR A 103 14.46 8.53 -6.19
C THR A 103 13.98 7.75 -7.38
N ALA A 104 13.25 8.43 -8.27
CA ALA A 104 12.84 7.82 -9.52
C ALA A 104 14.06 7.39 -10.35
N ALA A 105 15.11 8.20 -10.34
CA ALA A 105 16.34 7.81 -11.04
C ALA A 105 16.93 6.52 -10.45
N ASP A 106 16.88 6.37 -9.13
CA ASP A 106 17.37 5.13 -8.52
C ASP A 106 16.54 3.94 -9.00
N MET A 107 15.25 4.12 -9.18
CA MET A 107 14.42 3.03 -9.68
C MET A 107 14.87 2.59 -11.06
N GLU A 108 15.13 3.55 -11.94
CA GLU A 108 15.60 3.21 -13.29
C GLU A 108 17.00 2.60 -13.24
N ALA A 109 17.85 3.08 -12.34
CA ALA A 109 19.18 2.50 -12.22
C ALA A 109 19.09 1.04 -11.79
N ALA A 110 18.22 0.77 -10.83
CA ALA A 110 18.00 -0.61 -10.40
C ALA A 110 17.50 -1.46 -11.57
N ARG A 111 16.53 -0.96 -12.32
CA ARG A 111 16.00 -1.72 -13.45
C ARG A 111 17.09 -2.01 -14.49
N ALA A 112 17.95 -1.04 -14.74
CA ALA A 112 19.01 -1.23 -15.73
C ALA A 112 19.99 -2.32 -15.31
N GLU A 113 20.18 -2.50 -14.01
CA GLU A 113 21.13 -3.51 -13.56
C GLU A 113 20.48 -4.79 -13.07
N GLY A 114 19.16 -4.87 -13.17
CA GLY A 114 18.47 -6.10 -12.83
C GLY A 114 18.36 -6.34 -11.33
N ARG A 115 18.31 -5.27 -10.54
CA ARG A 115 18.06 -5.42 -9.11
C ARG A 115 16.72 -4.82 -8.76
N ILE A 116 16.09 -5.35 -7.72
CA ILE A 116 14.80 -4.85 -7.27
C ILE A 116 14.98 -3.57 -6.47
N ALA A 117 14.48 -2.46 -7.01
CA ALA A 117 14.54 -1.19 -6.30
C ALA A 117 13.74 -1.31 -5.02
N SER A 118 14.36 -0.98 -3.90
CA SER A 118 13.73 -1.16 -2.60
C SER A 118 13.51 0.18 -1.92
N LEU A 119 12.24 0.56 -1.86
CA LEU A 119 11.82 1.82 -1.26
C LEU A 119 11.09 1.53 0.04
N MET A 120 10.75 2.59 0.77
CA MET A 120 10.00 2.44 2.02
C MET A 120 8.79 3.35 2.06
N GLY A 121 7.70 2.83 2.61
CA GLY A 121 6.50 3.62 2.83
C GLY A 121 6.00 3.40 4.25
N ALA A 122 5.77 4.50 4.97
CA ALA A 122 5.19 4.42 6.32
C ALA A 122 3.70 4.28 6.19
N GLU A 123 3.10 3.50 7.09
CA GLU A 123 1.67 3.23 7.00
C GLU A 123 0.91 3.75 8.21
N GLY A 124 0.64 5.05 8.16
CA GLY A 124 -0.18 5.72 9.16
C GLY A 124 0.55 6.88 9.81
N GLY A 125 -0.16 7.99 9.95
CA GLY A 125 0.42 9.23 10.45
C GLY A 125 0.88 9.13 11.89
N HIS A 126 0.40 8.13 12.61
CA HIS A 126 0.88 7.92 13.97
C HIS A 126 2.38 7.69 14.01
N SER A 127 2.98 7.31 12.89
CA SER A 127 4.42 7.10 12.84
C SER A 127 5.23 8.38 13.06
N ILE A 128 4.59 9.55 12.95
CA ILE A 128 5.31 10.80 13.20
C ILE A 128 4.99 11.46 14.54
N ASP A 129 4.11 10.86 15.34
CA ASP A 129 3.86 11.34 16.69
C ASP A 129 3.59 12.86 16.71
N ASN A 130 2.73 13.30 15.78
CA ASN A 130 2.31 14.71 15.68
C ASN A 130 3.48 15.69 15.53
N SER A 131 4.60 15.21 14.98
CA SER A 131 5.83 16.00 14.95
C SER A 131 6.33 16.15 13.52
N LEU A 132 6.34 17.38 13.01
CA LEU A 132 6.81 17.61 11.64
C LEU A 132 8.30 17.31 11.51
N ALA A 133 9.07 17.58 12.56
CA ALA A 133 10.49 17.24 12.53
C ALA A 133 10.69 15.73 12.44
N THR A 134 9.79 14.98 13.05
CA THR A 134 9.84 13.52 12.95
C THR A 134 9.51 13.06 11.54
N LEU A 135 8.52 13.69 10.90
CA LEU A 135 8.27 13.45 9.49
C LEU A 135 9.55 13.66 8.67
N ARG A 136 10.23 14.78 8.91
CA ARG A 136 11.46 15.06 8.18
C ARG A 136 12.54 14.02 8.48
N ALA A 137 12.60 13.52 9.72
CA ALA A 137 13.56 12.45 10.05
C ALA A 137 13.24 11.16 9.29
N LEU A 138 11.96 10.80 9.18
CA LEU A 138 11.61 9.61 8.42
C LEU A 138 12.01 9.77 6.96
N TYR A 139 11.78 10.95 6.39
CA TYR A 139 12.21 11.19 5.03
C TYR A 139 13.74 11.02 4.92
N ALA A 140 14.46 11.59 5.87
CA ALA A 140 15.92 11.49 5.86
C ALA A 140 16.39 10.04 5.91
N LEU A 141 15.63 9.18 6.57
CA LEU A 141 15.95 7.76 6.68
C LEU A 141 15.53 6.95 5.46
N GLY A 142 14.80 7.58 4.54
CA GLY A 142 14.47 6.94 3.29
C GLY A 142 13.00 6.72 3.04
N VAL A 143 12.14 7.13 3.96
CA VAL A 143 10.69 6.93 3.73
C VAL A 143 10.20 7.82 2.60
N ARG A 144 9.48 7.24 1.63
CA ARG A 144 9.09 8.00 0.44
C ARG A 144 7.57 8.10 0.25
N TYR A 145 6.79 7.43 1.10
CA TYR A 145 5.36 7.76 1.21
C TYR A 145 4.91 7.55 2.63
N MET A 146 3.82 8.21 3.02
CA MET A 146 3.18 7.91 4.29
C MET A 146 1.67 7.87 4.10
N THR A 147 1.08 6.73 4.43
CA THR A 147 -0.37 6.59 4.51
C THR A 147 -0.83 7.48 5.66
N LEU A 148 -1.81 8.34 5.41
CA LEU A 148 -2.07 9.37 6.42
C LEU A 148 -2.70 8.81 7.70
N THR A 149 -3.51 7.76 7.57
CA THR A 149 -3.96 7.00 8.74
C THR A 149 -3.76 5.52 8.48
N HIS A 150 -3.88 4.73 9.54
CA HIS A 150 -4.11 3.31 9.37
C HIS A 150 -5.61 3.06 9.62
N ASN A 151 -5.97 2.04 10.41
CA ASN A 151 -7.38 1.68 10.59
C ASN A 151 -8.16 2.58 11.55
N ASP A 152 -7.43 3.37 12.34
CA ASP A 152 -8.07 4.26 13.30
C ASP A 152 -7.74 5.71 12.98
N ASN A 153 -8.63 6.63 13.35
CA ASN A 153 -8.33 8.05 13.25
C ASN A 153 -7.05 8.34 14.01
N ASN A 154 -6.31 9.34 13.54
CA ASN A 154 -5.32 9.96 14.40
C ASN A 154 -5.79 11.38 14.72
N ALA A 155 -4.98 12.20 15.36
CA ALA A 155 -5.49 13.48 15.87
C ALA A 155 -5.83 14.44 14.74
N TRP A 156 -5.27 14.20 13.55
CA TRP A 156 -5.35 15.18 12.47
C TRP A 156 -5.89 14.65 11.16
N ALA A 157 -6.30 13.38 11.13
CA ALA A 157 -6.84 12.78 9.92
C ALA A 157 -7.81 11.65 10.27
N ASP A 158 -8.86 11.52 9.45
CA ASP A 158 -9.90 10.51 9.65
C ASP A 158 -9.65 9.26 8.80
N SER A 159 -9.80 8.11 9.45
CA SER A 159 -9.65 6.81 8.80
C SER A 159 -10.99 6.34 8.25
N ALA A 160 -10.94 5.59 7.17
CA ALA A 160 -12.15 5.05 6.55
C ALA A 160 -12.81 4.01 7.45
N THR A 161 -12.03 3.40 8.33
CA THR A 161 -12.54 2.32 9.16
C THR A 161 -12.71 2.75 10.62
N ASP A 162 -13.01 4.03 10.80
CA ASP A 162 -13.31 4.60 12.12
C ASP A 162 -14.50 5.56 11.94
N GLU A 163 -15.04 6.06 13.05
CA GLU A 163 -16.11 7.05 12.97
C GLU A 163 -15.54 8.40 12.55
N PRO A 164 -16.38 9.30 12.03
CA PRO A 164 -15.89 10.64 11.73
C PRO A 164 -15.23 11.28 12.95
N GLY A 165 -14.11 11.97 12.72
CA GLY A 165 -13.38 12.62 13.79
C GLY A 165 -13.27 14.11 13.53
N VAL A 166 -12.24 14.50 12.80
CA VAL A 166 -12.02 15.91 12.50
C VAL A 166 -12.69 16.34 11.19
N GLY A 167 -13.28 15.39 10.47
CA GLY A 167 -14.01 15.68 9.25
C GLY A 167 -13.20 15.59 7.97
N GLY A 168 -12.06 14.90 8.04
CA GLY A 168 -11.14 14.76 6.93
C GLY A 168 -9.75 15.03 7.47
N LEU A 169 -9.14 16.11 7.00
CA LEU A 169 -7.92 16.62 7.60
C LEU A 169 -8.22 17.82 8.48
N SER A 170 -7.56 17.89 9.64
CA SER A 170 -7.61 19.09 10.46
C SER A 170 -6.63 20.11 9.87
N ALA A 171 -6.54 21.29 10.48
CA ALA A 171 -5.58 22.29 10.04
C ALA A 171 -4.16 21.73 10.10
N PHE A 172 -3.83 21.03 11.19
CA PHE A 172 -2.52 20.42 11.29
C PHE A 172 -2.36 19.32 10.24
N GLY A 173 -3.43 18.60 9.93
CA GLY A 173 -3.40 17.60 8.89
C GLY A 173 -3.01 18.19 7.54
N ARG A 174 -3.57 19.36 7.22
CA ARG A 174 -3.19 20.06 6.00
C ARG A 174 -1.71 20.48 6.04
N GLU A 175 -1.23 20.88 7.22
CA GLU A 175 0.18 21.23 7.40
C GLU A 175 1.07 20.02 7.14
N VAL A 176 0.64 18.84 7.60
CA VAL A 176 1.39 17.62 7.32
C VAL A 176 1.48 17.41 5.80
N VAL A 177 0.35 17.55 5.10
CA VAL A 177 0.39 17.37 3.65
C VAL A 177 1.32 18.39 3.00
N ARG A 178 1.26 19.64 3.42
CA ARG A 178 2.16 20.65 2.88
C ARG A 178 3.62 20.27 3.09
N GLU A 179 3.94 19.74 4.26
CA GLU A 179 5.32 19.38 4.57
C GLU A 179 5.77 18.16 3.77
N MET A 180 4.88 17.20 3.60
CA MET A 180 5.17 16.08 2.74
C MET A 180 5.45 16.56 1.32
N ASN A 181 4.63 17.50 0.85
CA ASN A 181 4.87 18.09 -0.47
C ASN A 181 6.26 18.73 -0.55
N ARG A 182 6.63 19.48 0.49
CA ARG A 182 7.94 20.13 0.47
C ARG A 182 9.09 19.14 0.52
N GLU A 183 8.93 18.07 1.30
CA GLU A 183 10.02 17.10 1.42
C GLU A 183 10.15 16.23 0.19
N GLY A 184 9.04 16.03 -0.51
CA GLY A 184 8.98 15.07 -1.60
C GLY A 184 8.51 13.69 -1.16
N MET A 185 7.79 13.64 -0.04
CA MET A 185 7.20 12.37 0.39
C MET A 185 5.79 12.25 -0.18
N LEU A 186 5.51 11.12 -0.82
CA LEU A 186 4.19 10.91 -1.41
C LEU A 186 3.11 10.77 -0.35
N VAL A 187 2.02 11.48 -0.56
CA VAL A 187 0.84 11.36 0.29
C VAL A 187 0.08 10.12 -0.12
N ASP A 188 -0.08 9.17 0.79
CA ASP A 188 -0.80 7.94 0.52
C ASP A 188 -2.17 7.98 1.19
N LEU A 189 -3.20 7.75 0.37
CA LEU A 189 -4.59 7.90 0.79
C LEU A 189 -5.29 6.55 0.89
N SER A 190 -4.53 5.45 0.81
CA SER A 190 -5.09 4.20 1.28
C SER A 190 -5.49 4.40 2.75
N HIS A 191 -6.43 3.59 3.22
CA HIS A 191 -6.93 3.62 4.62
C HIS A 191 -7.75 4.82 5.06
N VAL A 192 -7.57 5.98 4.42
CA VAL A 192 -8.22 7.18 4.93
C VAL A 192 -9.67 7.28 4.48
N ALA A 193 -10.45 8.06 5.23
CA ALA A 193 -11.84 8.30 4.87
C ALA A 193 -11.95 9.09 3.57
N ALA A 194 -13.09 8.95 2.88
CA ALA A 194 -13.30 9.72 1.65
C ALA A 194 -13.21 11.23 1.89
N THR A 195 -13.68 11.70 3.03
CA THR A 195 -13.48 13.11 3.38
C THR A 195 -12.00 13.48 3.38
N THR A 196 -11.19 12.62 3.99
CA THR A 196 -9.74 12.84 4.07
C THR A 196 -9.13 12.84 2.69
N MET A 197 -9.60 11.94 1.81
CA MET A 197 -9.12 11.91 0.43
C MET A 197 -9.34 13.26 -0.24
N ARG A 198 -10.56 13.78 -0.09
CA ARG A 198 -10.89 15.04 -0.75
C ARG A 198 -10.10 16.22 -0.19
N ASP A 199 -9.94 16.26 1.13
CA ASP A 199 -9.17 17.32 1.75
C ASP A 199 -7.70 17.25 1.30
N ALA A 200 -7.18 16.02 1.19
CA ALA A 200 -5.79 15.83 0.76
C ALA A 200 -5.61 16.27 -0.68
N LEU A 201 -6.57 15.93 -1.54
CA LEU A 201 -6.53 16.36 -2.93
C LEU A 201 -6.67 17.87 -3.07
N ASP A 202 -7.46 18.49 -2.20
CA ASP A 202 -7.56 19.95 -2.22
C ASP A 202 -6.23 20.61 -1.86
N THR A 203 -5.54 20.02 -0.91
CA THR A 203 -4.36 20.65 -0.31
C THR A 203 -3.06 20.34 -1.07
N SER A 204 -2.93 19.10 -1.54
CA SER A 204 -1.65 18.65 -2.11
C SER A 204 -1.30 19.38 -3.40
N THR A 205 -0.06 19.83 -3.50
CA THR A 205 0.44 20.38 -4.75
C THR A 205 1.25 19.34 -5.52
N ALA A 206 1.27 18.10 -5.03
CA ALA A 206 1.95 17.01 -5.71
C ALA A 206 1.00 15.85 -5.96
N PRO A 207 1.29 15.03 -6.95
CA PRO A 207 0.51 13.81 -7.17
C PRO A 207 0.46 12.97 -5.90
N VAL A 208 -0.73 12.46 -5.58
CA VAL A 208 -0.91 11.58 -4.44
C VAL A 208 -1.02 10.13 -4.91
N ILE A 209 -0.90 9.18 -3.98
CA ILE A 209 -1.11 7.78 -4.32
C ILE A 209 -2.12 7.11 -3.39
N PHE A 210 -2.59 5.95 -3.82
CA PHE A 210 -3.23 4.98 -2.95
C PHE A 210 -2.34 3.75 -3.09
N SER A 211 -1.58 3.44 -2.04
CA SER A 211 -0.58 2.38 -2.16
C SER A 211 -1.20 0.99 -2.22
N HIS A 212 -2.39 0.84 -1.68
CA HIS A 212 -3.11 -0.43 -1.73
C HIS A 212 -4.62 -0.21 -1.49
N SER A 213 -5.32 0.24 -2.53
CA SER A 213 -6.78 0.39 -2.49
C SER A 213 -7.38 0.02 -3.83
N SER A 214 -8.60 -0.49 -3.78
CA SER A 214 -9.30 -0.86 -5.00
C SER A 214 -10.54 0.02 -5.20
N SER A 215 -11.53 -0.43 -5.96
CA SER A 215 -12.63 0.44 -6.39
C SER A 215 -13.91 0.26 -5.59
N ARG A 216 -14.40 1.35 -5.01
CA ARG A 216 -15.64 1.28 -4.22
C ARG A 216 -16.88 1.04 -5.09
N ALA A 217 -16.88 1.53 -6.32
CA ALA A 217 -17.99 1.29 -7.24
C ALA A 217 -18.09 -0.19 -7.59
N VAL A 218 -16.94 -0.85 -7.74
CA VAL A 218 -16.93 -2.28 -8.03
C VAL A 218 -17.28 -3.11 -6.80
N CYS A 219 -16.76 -2.71 -5.64
CA CYS A 219 -17.04 -3.43 -4.41
C CYS A 219 -17.10 -2.42 -3.27
N ASP A 220 -18.30 -2.23 -2.72
CA ASP A 220 -18.53 -1.17 -1.75
C ASP A 220 -17.95 -1.52 -0.38
N HIS A 221 -16.79 -0.95 -0.08
CA HIS A 221 -16.12 -1.10 1.20
C HIS A 221 -15.36 0.19 1.44
N PRO A 222 -15.32 0.67 2.68
CA PRO A 222 -14.69 1.97 2.91
C PRO A 222 -13.19 1.99 2.61
N ARG A 223 -12.54 0.82 2.54
CA ARG A 223 -11.12 0.77 2.18
C ARG A 223 -10.88 1.00 0.70
N ASN A 224 -11.94 0.98 -0.11
CA ASN A 224 -11.83 1.23 -1.53
C ASN A 224 -12.11 2.69 -1.89
N ILE A 225 -11.80 3.07 -3.13
CA ILE A 225 -11.84 4.47 -3.55
C ILE A 225 -13.13 4.80 -4.31
N PRO A 226 -13.84 5.87 -3.91
CA PRO A 226 -15.01 6.30 -4.66
C PRO A 226 -14.67 6.85 -6.05
N ASP A 227 -15.60 6.68 -6.99
CA ASP A 227 -15.41 7.22 -8.33
C ASP A 227 -15.08 8.71 -8.35
N ASP A 228 -15.72 9.51 -7.49
CA ASP A 228 -15.49 10.95 -7.56
C ASP A 228 -14.05 11.29 -7.19
N VAL A 229 -13.43 10.44 -6.38
CA VAL A 229 -12.03 10.62 -6.03
C VAL A 229 -11.12 10.14 -7.17
N LEU A 230 -11.45 8.98 -7.73
CA LEU A 230 -10.71 8.50 -8.91
C LEU A 230 -10.71 9.54 -10.03
N GLU A 231 -11.85 10.21 -10.23
CA GLU A 231 -11.97 11.20 -11.28
C GLU A 231 -10.98 12.35 -11.11
N ARG A 232 -10.64 12.66 -9.87
CA ARG A 232 -9.69 13.74 -9.57
C ARG A 232 -8.23 13.38 -9.83
N LEU A 233 -7.91 12.12 -10.06
CA LEU A 233 -6.50 11.72 -10.22
C LEU A 233 -5.79 12.29 -11.44
N SER A 234 -6.51 12.44 -12.55
N SER A 234 -6.51 12.39 -12.56
CA SER A 234 -5.88 12.95 -13.77
CA SER A 234 -5.90 12.96 -13.76
C SER A 234 -5.43 14.40 -13.60
C SER A 234 -5.36 14.34 -13.43
N ALA A 235 -6.22 15.19 -12.90
CA ALA A 235 -5.83 16.56 -12.60
C ALA A 235 -4.71 16.60 -11.58
N ASN A 236 -4.80 15.76 -10.56
CA ASN A 236 -3.77 15.72 -9.54
C ASN A 236 -2.47 15.09 -10.03
N GLY A 237 -2.58 14.16 -10.99
CA GLY A 237 -1.43 13.49 -11.56
C GLY A 237 -1.04 12.21 -10.84
N GLY A 238 -1.80 11.85 -9.82
CA GLY A 238 -1.46 10.71 -8.98
C GLY A 238 -1.91 9.36 -9.52
N MET A 239 -1.92 8.36 -8.64
CA MET A 239 -2.27 7.02 -9.07
C MET A 239 -2.83 6.16 -7.96
N ALA A 240 -3.73 5.27 -8.35
CA ALA A 240 -4.34 4.32 -7.45
C ALA A 240 -3.77 2.94 -7.71
N MET A 241 -3.17 2.36 -6.67
CA MET A 241 -2.50 1.06 -6.82
C MET A 241 -3.41 -0.04 -6.27
N VAL A 242 -3.99 -0.78 -7.21
CA VAL A 242 -5.04 -1.76 -6.88
C VAL A 242 -4.51 -2.81 -5.92
N THR A 243 -5.34 -3.20 -4.95
CA THR A 243 -4.92 -4.22 -4.00
C THR A 243 -5.70 -5.52 -4.19
N PHE A 244 -5.18 -6.60 -3.59
CA PHE A 244 -5.68 -7.94 -3.86
C PHE A 244 -6.52 -8.49 -2.72
N VAL A 245 -6.58 -7.77 -1.60
CA VAL A 245 -7.23 -8.26 -0.38
C VAL A 245 -8.64 -8.74 -0.67
N PRO A 246 -8.93 -10.03 -0.48
CA PRO A 246 -10.24 -10.56 -0.92
C PRO A 246 -11.43 -9.86 -0.27
N LYS A 247 -11.34 -9.57 1.03
CA LYS A 247 -12.43 -8.96 1.75
C LYS A 247 -12.65 -7.49 1.36
N PHE A 248 -11.81 -6.97 0.45
CA PHE A 248 -12.03 -5.65 -0.14
C PHE A 248 -12.49 -5.76 -1.59
N VAL A 249 -11.96 -6.73 -2.34
CA VAL A 249 -12.21 -6.77 -3.79
C VAL A 249 -13.37 -7.65 -4.26
N LEU A 250 -13.71 -8.69 -3.49
CA LEU A 250 -14.77 -9.62 -3.87
C LEU A 250 -16.04 -9.34 -3.09
N GLN A 251 -17.12 -9.04 -3.80
CA GLN A 251 -18.39 -8.76 -3.15
C GLN A 251 -18.78 -9.82 -2.13
N ALA A 252 -18.67 -11.09 -2.54
CA ALA A 252 -19.05 -12.19 -1.65
C ALA A 252 -18.21 -12.18 -0.38
N ALA A 253 -16.95 -11.75 -0.49
CA ALA A 253 -16.07 -11.71 0.68
C ALA A 253 -16.41 -10.55 1.60
N VAL A 254 -16.72 -9.39 1.04
CA VAL A 254 -17.21 -8.28 1.85
C VAL A 254 -18.45 -8.70 2.64
N ASP A 255 -19.40 -9.33 1.95
CA ASP A 255 -20.64 -9.76 2.59
C ASP A 255 -20.38 -10.82 3.66
N TRP A 256 -19.49 -11.76 3.35
CA TRP A 256 -19.18 -12.84 4.28
C TRP A 256 -18.52 -12.29 5.54
N THR A 257 -17.58 -11.37 5.37
CA THR A 257 -16.90 -10.76 6.51
C THR A 257 -17.88 -9.97 7.39
N ALA A 258 -18.82 -9.28 6.75
CA ALA A 258 -19.83 -8.55 7.50
C ALA A 258 -20.67 -9.52 8.31
N GLU A 259 -21.08 -10.62 7.69
CA GLU A 259 -21.87 -11.62 8.42
C GLU A 259 -21.06 -12.31 9.51
N ALA A 260 -19.77 -12.56 9.26
CA ALA A 260 -18.91 -13.13 10.29
C ALA A 260 -18.80 -12.20 11.49
N ASP A 261 -18.60 -10.90 11.22
CA ASP A 261 -18.51 -9.89 12.26
C ASP A 261 -19.81 -9.81 13.07
N ASP A 262 -20.95 -9.83 12.38
CA ASP A 262 -22.24 -9.79 13.04
C ASP A 262 -22.40 -11.01 13.94
N ASN A 263 -21.97 -12.15 13.43
CA ASN A 263 -22.07 -13.38 14.20
C ASN A 263 -21.22 -13.31 15.48
N MET A 264 -20.04 -12.73 15.38
N MET A 264 -20.04 -12.71 15.37
CA MET A 264 -19.19 -12.55 16.56
CA MET A 264 -19.17 -12.53 16.52
C MET A 264 -19.91 -11.70 17.60
C MET A 264 -19.87 -11.68 17.58
N ARG A 265 -20.48 -10.58 17.16
CA ARG A 265 -21.19 -9.70 18.08
C ARG A 265 -22.41 -10.39 18.66
N ALA A 266 -23.03 -11.28 17.88
CA ALA A 266 -24.20 -12.01 18.37
C ALA A 266 -23.85 -12.89 19.57
N HIS A 267 -22.57 -13.24 19.69
CA HIS A 267 -22.09 -14.07 20.78
C HIS A 267 -21.42 -13.23 21.86
N GLY A 268 -21.58 -11.91 21.77
CA GLY A 268 -21.07 -11.00 22.77
C GLY A 268 -19.59 -10.67 22.65
N PHE A 269 -19.01 -10.97 21.49
CA PHE A 269 -17.61 -10.65 21.24
C PHE A 269 -17.45 -9.46 20.31
N HIS A 270 -16.43 -8.64 20.55
CA HIS A 270 -16.02 -7.64 19.58
C HIS A 270 -15.54 -8.41 18.35
N HIS A 271 -15.80 -7.88 17.16
CA HIS A 271 -15.49 -8.63 15.94
C HIS A 271 -14.00 -8.91 15.76
N LEU A 272 -13.16 -8.18 16.49
CA LEU A 272 -11.71 -8.36 16.40
C LEU A 272 -11.14 -9.20 17.55
N ASP A 273 -12.01 -9.68 18.42
CA ASP A 273 -11.61 -10.49 19.56
C ASP A 273 -10.91 -11.77 19.08
N SER A 274 -9.74 -12.06 19.63
CA SER A 274 -8.96 -13.20 19.18
C SER A 274 -8.71 -14.25 20.27
N SER A 275 -9.52 -14.20 21.32
CA SER A 275 -9.44 -15.20 22.38
C SER A 275 -9.83 -16.57 21.83
N PRO A 276 -9.39 -17.65 22.50
CA PRO A 276 -9.80 -19.01 22.12
C PRO A 276 -11.32 -19.13 22.02
N GLU A 277 -12.04 -18.49 22.93
CA GLU A 277 -13.50 -18.54 22.93
C GLU A 277 -14.08 -17.88 21.69
N ALA A 278 -13.54 -16.71 21.33
CA ALA A 278 -13.99 -16.01 20.13
C ALA A 278 -13.65 -16.82 18.88
N MET A 279 -12.47 -17.42 18.88
CA MET A 279 -12.04 -18.21 17.73
C MET A 279 -12.96 -19.40 17.50
N LYS A 280 -13.46 -19.98 18.59
CA LYS A 280 -14.39 -21.10 18.50
C LYS A 280 -15.66 -20.66 17.76
N VAL A 281 -16.18 -19.49 18.12
CA VAL A 281 -17.37 -18.95 17.50
C VAL A 281 -17.14 -18.69 16.01
N HIS A 282 -16.01 -18.10 15.67
CA HIS A 282 -15.74 -17.84 14.27
C HIS A 282 -15.57 -19.13 13.48
N ALA A 283 -14.89 -20.11 14.09
CA ALA A 283 -14.71 -21.41 13.44
C ALA A 283 -16.05 -22.04 13.10
N ALA A 284 -17.00 -21.94 14.04
CA ALA A 284 -18.32 -22.51 13.83
C ALA A 284 -19.05 -21.80 12.69
N PHE A 285 -18.83 -20.49 12.56
CA PHE A 285 -19.42 -19.76 11.45
C PHE A 285 -18.84 -20.22 10.11
N GLU A 286 -17.52 -20.32 10.04
CA GLU A 286 -16.89 -20.71 8.79
C GLU A 286 -17.27 -22.14 8.43
N GLU A 287 -17.52 -22.96 9.45
CA GLU A 287 -17.97 -24.32 9.24
C GLU A 287 -19.29 -24.36 8.47
N ARG A 288 -20.25 -23.52 8.86
CA ARG A 288 -21.54 -23.53 8.18
C ARG A 288 -21.58 -22.59 6.96
N VAL A 289 -20.66 -21.63 6.90
CA VAL A 289 -20.57 -20.75 5.75
C VAL A 289 -19.11 -20.62 5.30
N PRO A 290 -18.70 -21.46 4.33
CA PRO A 290 -17.30 -21.42 3.91
C PRO A 290 -16.89 -20.05 3.36
N ARG A 291 -15.62 -19.72 3.60
CA ARG A 291 -15.03 -18.47 3.13
C ARG A 291 -14.99 -18.42 1.61
N PRO A 292 -15.56 -17.37 1.01
CA PRO A 292 -15.48 -17.25 -0.46
C PRO A 292 -14.07 -16.94 -0.90
N VAL A 293 -13.77 -17.30 -2.15
CA VAL A 293 -12.44 -17.13 -2.69
C VAL A 293 -12.46 -16.22 -3.91
N ALA A 294 -11.63 -15.18 -3.88
CA ALA A 294 -11.49 -14.27 -5.01
C ALA A 294 -10.57 -14.89 -6.05
N THR A 295 -10.55 -14.31 -7.25
CA THR A 295 -9.70 -14.79 -8.33
C THR A 295 -8.98 -13.62 -8.99
N VAL A 296 -8.12 -13.94 -9.94
CA VAL A 296 -7.46 -12.92 -10.73
C VAL A 296 -8.51 -12.06 -11.42
N SER A 297 -9.58 -12.70 -11.91
CA SER A 297 -10.67 -11.99 -12.56
C SER A 297 -11.27 -10.91 -11.66
N THR A 298 -11.40 -11.21 -10.37
CA THR A 298 -11.92 -10.24 -9.42
C THR A 298 -11.08 -8.97 -9.46
N VAL A 299 -9.76 -9.13 -9.39
CA VAL A 299 -8.87 -7.99 -9.37
C VAL A 299 -8.91 -7.26 -10.71
N ALA A 300 -8.95 -8.00 -11.82
CA ALA A 300 -9.05 -7.37 -13.14
C ALA A 300 -10.33 -6.55 -13.28
N ASP A 301 -11.43 -6.99 -12.65
CA ASP A 301 -12.67 -6.22 -12.67
C ASP A 301 -12.44 -4.82 -12.06
N HIS A 302 -11.69 -4.77 -10.96
CA HIS A 302 -11.36 -3.48 -10.37
C HIS A 302 -10.53 -2.62 -11.30
N LEU A 303 -9.49 -3.21 -11.88
CA LEU A 303 -8.62 -2.45 -12.79
C LEU A 303 -9.36 -1.93 -14.02
N ASP A 304 -10.25 -2.74 -14.60
CA ASP A 304 -11.05 -2.27 -15.73
C ASP A 304 -11.82 -1.02 -15.36
N HIS A 305 -12.49 -1.03 -14.22
CA HIS A 305 -13.29 0.12 -13.84
C HIS A 305 -12.42 1.31 -13.47
N MET A 306 -11.35 1.06 -12.72
CA MET A 306 -10.42 2.10 -12.36
C MET A 306 -9.81 2.75 -13.61
N ARG A 307 -9.51 1.94 -14.62
CA ARG A 307 -9.01 2.49 -15.88
C ARG A 307 -10.03 3.41 -16.54
N GLU A 308 -11.30 3.00 -16.55
CA GLU A 308 -12.35 3.79 -17.16
C GLU A 308 -12.51 5.14 -16.48
N VAL A 309 -12.45 5.15 -15.15
CA VAL A 309 -12.73 6.37 -14.40
C VAL A 309 -11.49 7.23 -14.17
N ALA A 310 -10.40 6.60 -13.74
CA ALA A 310 -9.17 7.34 -13.42
C ALA A 310 -8.29 7.58 -14.64
N GLY A 311 -8.31 6.65 -15.59
CA GLY A 311 -7.39 6.70 -16.73
C GLY A 311 -6.20 5.79 -16.53
N VAL A 312 -5.71 5.23 -17.64
CA VAL A 312 -4.61 4.27 -17.61
C VAL A 312 -3.31 4.85 -17.03
N ASP A 313 -3.15 6.17 -17.08
CA ASP A 313 -1.95 6.81 -16.56
C ASP A 313 -1.99 6.97 -15.04
N HIS A 314 -3.07 6.52 -14.42
CA HIS A 314 -3.28 6.78 -13.00
C HIS A 314 -3.54 5.51 -12.19
N LEU A 315 -2.92 4.43 -12.62
CA LEU A 315 -3.09 3.11 -12.04
C LEU A 315 -1.77 2.46 -11.69
N GLY A 316 -1.77 1.67 -10.64
CA GLY A 316 -0.64 0.82 -10.31
C GLY A 316 -1.13 -0.42 -9.60
N ILE A 317 -0.21 -1.11 -8.95
CA ILE A 317 -0.51 -2.36 -8.25
C ILE A 317 0.11 -2.29 -6.85
N GLY A 318 -0.68 -2.63 -5.83
CA GLY A 318 -0.18 -2.72 -4.46
C GLY A 318 -0.77 -3.94 -3.81
N GLY A 319 -0.06 -5.06 -3.90
CA GLY A 319 -0.62 -6.36 -3.57
C GLY A 319 -1.05 -6.57 -2.13
N ASP A 320 -0.37 -5.90 -1.21
CA ASP A 320 -0.53 -6.13 0.23
C ASP A 320 0.02 -7.48 0.67
N TYR A 321 0.97 -8.03 -0.09
CA TYR A 321 1.56 -9.29 0.31
C TYR A 321 2.21 -9.20 1.69
N ASP A 322 2.04 -10.28 2.45
CA ASP A 322 2.47 -10.38 3.84
C ASP A 322 1.79 -9.42 4.80
N GLY A 323 0.73 -8.77 4.32
CA GLY A 323 -0.09 -7.91 5.16
C GLY A 323 -1.48 -8.45 5.40
N THR A 324 -1.82 -9.51 4.67
CA THR A 324 -3.14 -10.15 4.70
C THR A 324 -2.96 -11.65 4.67
N PRO A 325 -3.72 -12.40 5.48
CA PRO A 325 -3.57 -13.86 5.42
C PRO A 325 -4.21 -14.52 4.21
N PHE A 326 -5.16 -13.84 3.59
CA PHE A 326 -5.91 -14.43 2.49
C PHE A 326 -5.61 -13.72 1.17
N THR A 327 -5.61 -14.50 0.10
CA THR A 327 -5.25 -14.00 -1.23
C THR A 327 -6.20 -14.59 -2.27
N PRO A 328 -6.36 -13.92 -3.41
CA PRO A 328 -7.13 -14.51 -4.50
C PRO A 328 -6.41 -15.72 -5.09
N ASP A 329 -7.18 -16.67 -5.61
CA ASP A 329 -6.59 -17.75 -6.39
C ASP A 329 -5.84 -17.15 -7.57
N GLY A 330 -4.65 -17.67 -7.85
CA GLY A 330 -3.81 -17.15 -8.91
C GLY A 330 -2.91 -16.02 -8.45
N LEU A 331 -3.18 -15.48 -7.27
CA LEU A 331 -2.39 -14.41 -6.68
C LEU A 331 -2.00 -14.76 -5.25
N GLY A 332 -1.68 -16.04 -5.04
CA GLY A 332 -1.41 -16.57 -3.72
C GLY A 332 -0.13 -16.08 -3.06
N ASP A 333 0.80 -15.55 -3.85
CA ASP A 333 2.03 -14.98 -3.29
C ASP A 333 2.66 -14.06 -4.33
N VAL A 334 3.84 -13.52 -4.03
CA VAL A 334 4.42 -12.48 -4.89
C VAL A 334 4.81 -12.99 -6.27
N SER A 335 4.74 -14.30 -6.50
CA SER A 335 5.03 -14.83 -7.83
C SER A 335 3.84 -14.71 -8.78
N GLY A 336 2.70 -14.25 -8.27
CA GLY A 336 1.47 -14.30 -9.02
C GLY A 336 1.20 -13.24 -10.08
N TYR A 337 1.93 -12.13 -10.05
CA TYR A 337 1.60 -11.00 -10.93
C TYR A 337 1.41 -11.36 -12.41
N PRO A 338 2.26 -12.24 -12.97
CA PRO A 338 2.05 -12.57 -14.38
C PRO A 338 0.64 -13.08 -14.69
N ASN A 339 -0.01 -13.75 -13.74
CA ASN A 339 -1.37 -14.21 -13.96
C ASN A 339 -2.33 -13.04 -14.13
N LEU A 340 -2.12 -11.96 -13.39
CA LEU A 340 -2.96 -10.78 -13.54
C LEU A 340 -2.68 -10.10 -14.88
N ILE A 341 -1.41 -9.95 -15.24
CA ILE A 341 -1.08 -9.34 -16.51
C ILE A 341 -1.66 -10.16 -17.67
N ALA A 342 -1.62 -11.48 -17.57
CA ALA A 342 -2.18 -12.34 -18.62
C ALA A 342 -3.69 -12.11 -18.77
N GLU A 343 -4.38 -12.02 -17.65
CA GLU A 343 -5.83 -11.77 -17.68
C GLU A 343 -6.12 -10.42 -18.36
N LEU A 344 -5.32 -9.41 -18.04
CA LEU A 344 -5.50 -8.10 -18.64
C LEU A 344 -5.24 -8.12 -20.15
N LEU A 345 -4.21 -8.87 -20.57
CA LEU A 345 -3.99 -9.08 -22.00
C LEU A 345 -5.22 -9.70 -22.68
N ASP A 346 -5.79 -10.72 -22.03
CA ASP A 346 -6.97 -11.38 -22.55
C ASP A 346 -8.17 -10.43 -22.64
N ARG A 347 -8.18 -9.40 -21.78
CA ARG A 347 -9.23 -8.39 -21.80
C ARG A 347 -8.92 -7.23 -22.75
N GLY A 348 -7.81 -7.32 -23.47
CA GLY A 348 -7.50 -6.32 -24.48
C GLY A 348 -6.62 -5.17 -24.05
N TRP A 349 -6.05 -5.23 -22.85
CA TRP A 349 -5.12 -4.19 -22.43
C TRP A 349 -3.89 -4.23 -23.34
N SER A 350 -3.41 -3.06 -23.75
CA SER A 350 -2.28 -3.01 -24.67
C SER A 350 -0.96 -3.14 -23.92
N GLN A 351 0.10 -3.41 -24.66
CA GLN A 351 1.42 -3.52 -24.04
C GLN A 351 1.82 -2.21 -23.37
N SER A 352 1.54 -1.08 -24.01
CA SER A 352 1.91 0.19 -23.40
C SER A 352 1.03 0.48 -22.19
N ASP A 353 -0.25 0.09 -22.23
CA ASP A 353 -1.14 0.24 -21.08
C ASP A 353 -0.53 -0.49 -19.90
N LEU A 354 -0.07 -1.71 -20.14
CA LEU A 354 0.43 -2.56 -19.07
C LEU A 354 1.76 -2.06 -18.54
N ALA A 355 2.60 -1.47 -19.41
CA ALA A 355 3.87 -0.92 -18.94
C ALA A 355 3.66 0.29 -18.03
N LYS A 356 2.58 1.03 -18.27
CA LYS A 356 2.21 2.13 -17.39
C LYS A 356 1.76 1.59 -16.04
N LEU A 357 0.88 0.60 -16.08
CA LEU A 357 0.35 -0.02 -14.87
C LEU A 357 1.44 -0.58 -13.99
N THR A 358 2.39 -1.27 -14.60
CA THR A 358 3.42 -1.93 -13.81
C THR A 358 4.52 -0.96 -13.38
N TRP A 359 5.08 -0.21 -14.34
CA TRP A 359 6.32 0.53 -14.11
C TRP A 359 6.21 2.04 -14.27
N LYS A 360 5.71 2.49 -15.42
CA LYS A 360 5.93 3.88 -15.81
C LYS A 360 5.15 4.88 -14.97
N ASN A 361 3.95 4.53 -14.54
CA ASN A 361 3.18 5.48 -13.76
C ASN A 361 3.86 5.75 -12.42
N ALA A 362 4.30 4.68 -11.75
CA ALA A 362 4.96 4.84 -10.46
C ALA A 362 6.22 5.69 -10.55
N VAL A 363 7.02 5.49 -11.59
CA VAL A 363 8.22 6.29 -11.72
C VAL A 363 7.86 7.76 -12.00
N ARG A 364 6.85 7.99 -12.83
CA ARG A 364 6.43 9.36 -13.10
C ARG A 364 5.99 10.06 -11.82
N VAL A 365 5.21 9.34 -11.01
CA VAL A 365 4.65 9.96 -9.82
C VAL A 365 5.74 10.32 -8.79
N LEU A 366 6.72 9.44 -8.60
CA LEU A 366 7.80 9.76 -7.68
C LEU A 366 8.64 10.92 -8.23
N ASP A 367 8.91 10.90 -9.53
CA ASP A 367 9.62 12.01 -10.14
C ASP A 367 8.87 13.33 -9.93
N ALA A 368 7.54 13.29 -10.07
CA ALA A 368 6.73 14.49 -9.87
C ALA A 368 6.82 15.01 -8.44
N ALA A 369 6.81 14.10 -7.47
CA ALA A 369 6.97 14.51 -6.08
C ALA A 369 8.31 15.22 -5.89
N GLU A 370 9.35 14.69 -6.53
CA GLU A 370 10.68 15.31 -6.43
C GLU A 370 10.66 16.70 -7.04
N ASP A 371 9.96 16.83 -8.17
CA ASP A 371 9.89 18.09 -8.90
C ASP A 371 9.17 19.16 -8.05
N VAL A 372 8.05 18.77 -7.45
CA VAL A 372 7.31 19.70 -6.61
C VAL A 372 8.16 20.09 -5.39
N SER A 373 8.83 19.11 -4.82
CA SER A 373 9.72 19.36 -3.69
C SER A 373 10.84 20.35 -4.04
N ARG A 374 11.42 20.22 -5.24
CA ARG A 374 12.45 21.19 -5.64
C ARG A 374 11.93 22.62 -5.55
N GLY A 375 10.72 22.85 -6.06
CA GLY A 375 10.15 24.17 -6.06
C GLY A 375 9.88 24.67 -4.66
N LEU A 376 9.27 23.82 -3.83
CA LEU A 376 8.91 24.22 -2.48
C LEU A 376 10.13 24.42 -1.58
N ARG A 377 11.15 23.58 -1.74
CA ARG A 377 12.36 23.73 -0.94
C ARG A 377 13.10 25.03 -1.25
N ALA A 378 13.03 25.45 -2.51
CA ALA A 378 13.65 26.73 -2.91
C ALA A 378 12.83 27.92 -2.44
N ALA A 379 11.53 27.73 -2.25
CA ALA A 379 10.61 28.82 -2.00
C ALA A 379 10.47 29.21 -0.53
N ARG A 380 10.67 28.24 0.36
CA ARG A 380 10.47 28.47 1.77
C ARG A 380 11.25 27.46 2.58
N GLY A 381 11.41 27.73 3.87
CA GLY A 381 11.99 26.79 4.79
C GLY A 381 10.96 25.80 5.32
N PRO A 382 11.41 24.80 6.07
CA PRO A 382 10.53 23.79 6.65
C PRO A 382 9.63 24.41 7.71
N SER A 383 8.49 23.78 7.94
CA SER A 383 7.55 24.28 8.93
C SER A 383 7.97 23.89 10.34
N ASN A 384 7.77 24.84 11.25
CA ASN A 384 8.01 24.64 12.67
C ASN A 384 6.68 24.58 13.44
N ALA A 385 5.58 24.40 12.72
CA ALA A 385 4.26 24.46 13.36
C ALA A 385 3.98 23.26 14.24
N THR A 386 3.15 23.46 15.27
CA THR A 386 2.75 22.37 16.14
C THR A 386 1.26 22.11 16.02
N ILE A 387 0.82 20.95 16.48
CA ILE A 387 -0.58 20.61 16.42
C ILE A 387 -1.41 21.49 17.36
N GLU A 388 -0.82 21.88 18.48
CA GLU A 388 -1.49 22.80 19.40
C GLU A 388 -1.73 24.15 18.74
N GLN A 389 -0.73 24.64 18.02
CA GLN A 389 -0.87 25.93 17.35
C GLN A 389 -1.97 25.91 16.31
N LEU A 390 -2.03 24.83 15.53
CA LEU A 390 -2.95 24.81 14.40
C LEU A 390 -4.33 24.24 14.72
N ASP A 391 -4.39 23.27 15.63
CA ASP A 391 -5.66 22.62 15.95
C ASP A 391 -6.24 23.02 17.30
N GLY A 392 -5.47 23.75 18.09
CA GLY A 392 -5.90 24.16 19.42
C GLY A 392 -5.55 23.14 20.47
N THR A 393 -5.79 23.49 21.73
CA THR A 393 -5.53 22.59 22.85
C THR A 393 -6.11 21.20 22.57
P L3A B . -2.46 -3.84 6.24
C1 L3A B . -1.84 -4.79 8.85
N1 L3A B . -0.17 -3.50 7.54
C2 L3A B . -1.26 -4.50 7.46
C4 L3A B . -3.64 -5.12 5.81
C5 L3A B . -5.13 -4.70 5.67
C6 L3A B . -5.39 -3.35 4.96
C7 L3A B . -5.94 -5.89 5.12
C8 L3A B . -0.88 -5.59 9.73
O31 L3A B . -1.66 -3.51 5.01
O32 L3A B . -3.15 -2.52 6.74
O61 L3A B . -6.47 -2.83 5.21
O62 L3A B . -4.56 -2.84 4.17
C81 L3A B . -1.47 -5.76 11.12
C82 L3A B . -0.58 -6.97 9.13
ZN ZN C . 0.28 -2.79 5.49
ZN ZN D . -3.00 -1.36 4.85
C1 EDO E . -2.02 10.90 17.18
O1 EDO E . -2.22 11.83 16.12
C2 EDO E . -1.06 9.79 16.73
O2 EDO E . 0.19 10.38 16.37
C1 EDO F . -16.55 -7.61 -7.37
O1 EDO F . -16.90 -8.85 -6.74
C2 EDO F . -15.53 -7.85 -8.48
O2 EDO F . -16.16 -8.61 -9.52
C1 EDO G . 13.46 14.03 -15.11
O1 EDO G . 12.05 14.09 -14.94
C2 EDO G . 14.11 15.36 -14.73
O2 EDO G . 13.58 15.82 -13.47
C1 EDO H . 0.42 -14.00 5.25
O1 EDO H . -0.24 -13.96 6.52
C2 EDO H . 1.89 -14.38 5.45
O2 EDO H . 2.60 -13.30 6.08
C1 EDO I . 2.21 -18.43 4.01
O1 EDO I . 1.33 -19.46 4.48
C2 EDO I . 1.46 -17.52 3.06
O2 EDO I . 1.10 -18.24 1.87
C1 EDO J . -4.60 -0.41 14.99
O1 EDO J . -5.59 0.13 14.10
C2 EDO J . -3.54 -1.14 14.18
O2 EDO J . -2.72 -0.21 13.46
#